data_1N5D
#
_entry.id   1N5D
#
_cell.length_a   58.530
_cell.length_b   58.530
_cell.length_c   165.640
_cell.angle_alpha   90.00
_cell.angle_beta   90.00
_cell.angle_gamma   90.00
#
_symmetry.space_group_name_H-M   'P 43 21 2'
#
loop_
_entity.id
_entity.type
_entity.pdbx_description
1 polymer 'CARBONYL REDUCTASE/20BETA-HYDROXYSTEROID DEHYDROGENASE'
2 non-polymer 'SULFATE ION'
3 non-polymer 'NADPH DIHYDRO-NICOTINAMIDE-ADENINE-DINUCLEOTIDE PHOSPHATE'
4 water water
#
_entity_poly.entity_id   1
_entity_poly.type   'polypeptide(L)'
_entity_poly.pdbx_seq_one_letter_code
;SSNTRVALVTGANKGIGFAIVRDLCRQFAGDVVLTARDVARGQAAVKQLQAEGLSPRFHQLDIIDLQSIRALCDFLRKEY
GGLDVLVNNAAIAFQLDNPTPFHIQAELTMKTNFMGTRNVCTELLPLIKPQGRVVNVSSTEGVRALNECSPELQQKFKSE
TITEEELVGLMNKFVEDTKNGVHRKEGWSDSTYGVTKIGVSVLSRIYARKLREQRAGDKILLNACCPGWVRTDMGGPKAP
KSPEVGAETPVYLALLPSDAEGPHGQFVTDKKVVEWGVPPESYPWVNA
;
_entity_poly.pdbx_strand_id   A
#
loop_
_chem_comp.id
_chem_comp.type
_chem_comp.name
_chem_comp.formula
NDP non-polymer 'NADPH DIHYDRO-NICOTINAMIDE-ADENINE-DINUCLEOTIDE PHOSPHATE' 'C21 H30 N7 O17 P3'
SO4 non-polymer 'SULFATE ION' 'O4 S -2'
#
# COMPACT_ATOMS: atom_id res chain seq x y z
N SER A 1 3.14 25.03 7.27
CA SER A 1 4.35 25.78 6.82
C SER A 1 4.37 25.95 5.30
N SER A 2 3.19 25.84 4.68
CA SER A 2 3.05 25.99 3.24
C SER A 2 1.59 25.93 2.82
N ASN A 3 1.24 26.71 1.80
CA ASN A 3 -0.12 26.73 1.29
C ASN A 3 -0.18 25.91 0.01
N THR A 4 0.92 25.21 -0.25
CA THR A 4 1.02 24.35 -1.42
C THR A 4 0.75 22.93 -0.94
N ARG A 5 -0.21 22.26 -1.57
CA ARG A 5 -0.54 20.90 -1.19
C ARG A 5 0.53 19.97 -1.73
N VAL A 6 0.70 18.82 -1.09
CA VAL A 6 1.72 17.87 -1.52
C VAL A 6 1.32 16.40 -1.43
N ALA A 7 1.66 15.65 -2.46
CA ALA A 7 1.36 14.21 -2.57
C ALA A 7 2.67 13.43 -2.57
N LEU A 8 2.66 12.24 -1.99
CA LEU A 8 3.87 11.42 -1.93
C LEU A 8 3.58 9.97 -2.20
N VAL A 9 4.49 9.33 -2.94
CA VAL A 9 4.35 7.92 -3.27
C VAL A 9 5.61 7.14 -2.93
N THR A 10 5.44 5.95 -2.35
CA THR A 10 6.55 5.09 -1.97
C THR A 10 6.83 4.07 -3.08
N GLY A 11 8.09 3.65 -3.21
CA GLY A 11 8.45 2.70 -4.26
C GLY A 11 7.96 3.18 -5.61
N ALA A 12 8.40 4.37 -6.01
CA ALA A 12 7.93 4.94 -7.25
C ALA A 12 8.96 5.18 -8.35
N ASN A 13 10.09 4.49 -8.29
CA ASN A 13 11.10 4.66 -9.34
C ASN A 13 10.70 3.80 -10.56
N LYS A 14 9.74 2.90 -10.35
CA LYS A 14 9.27 2.01 -11.41
C LYS A 14 7.92 1.38 -11.11
N GLY A 15 7.36 0.70 -12.11
CA GLY A 15 6.08 0.05 -11.95
C GLY A 15 4.88 0.96 -11.70
N ILE A 16 3.89 0.40 -11.01
CA ILE A 16 2.68 1.11 -10.69
C ILE A 16 2.96 2.41 -9.95
N GLY A 17 3.91 2.36 -9.02
CA GLY A 17 4.26 3.54 -8.25
C GLY A 17 4.68 4.68 -9.15
N PHE A 18 5.48 4.34 -10.16
CA PHE A 18 5.95 5.32 -11.12
C PHE A 18 4.75 5.89 -11.89
N ALA A 19 3.91 4.99 -12.39
CA ALA A 19 2.72 5.40 -13.13
C ALA A 19 1.86 6.37 -12.32
N ILE A 20 1.72 6.08 -11.03
CA ILE A 20 0.92 6.91 -10.14
C ILE A 20 1.46 8.35 -10.04
N VAL A 21 2.77 8.50 -9.92
CA VAL A 21 3.36 9.84 -9.84
C VAL A 21 3.13 10.63 -11.13
N ARG A 22 3.14 9.92 -12.25
CA ARG A 22 2.92 10.59 -13.52
C ARG A 22 1.52 11.21 -13.52
N ASP A 23 0.51 10.40 -13.21
CA ASP A 23 -0.86 10.87 -13.19
C ASP A 23 -1.09 11.99 -12.18
N LEU A 24 -0.37 11.95 -11.06
CA LEU A 24 -0.53 12.99 -10.05
C LEU A 24 0.06 14.29 -10.56
N CYS A 25 1.24 14.22 -11.17
CA CYS A 25 1.88 15.41 -11.71
C CYS A 25 0.93 16.08 -12.68
N ARG A 26 0.05 15.28 -13.27
CA ARG A 26 -0.92 15.80 -14.24
C ARG A 26 -2.22 16.28 -13.61
N GLN A 27 -2.81 15.45 -12.73
CA GLN A 27 -4.09 15.78 -12.12
C GLN A 27 -4.12 16.40 -10.73
N PHE A 28 -2.99 16.43 -10.04
CA PHE A 28 -2.96 16.99 -8.69
C PHE A 28 -2.50 18.44 -8.66
N ALA A 29 -3.23 19.29 -7.95
CA ALA A 29 -2.89 20.70 -7.84
C ALA A 29 -1.92 20.90 -6.68
N GLY A 30 -0.64 20.72 -6.97
CA GLY A 30 0.39 20.86 -5.96
C GLY A 30 1.59 19.99 -6.31
N ASP A 31 2.61 20.00 -5.45
CA ASP A 31 3.82 19.23 -5.67
C ASP A 31 3.62 17.74 -5.45
N VAL A 32 4.28 16.94 -6.27
CA VAL A 32 4.23 15.49 -6.15
C VAL A 32 5.63 15.01 -5.84
N VAL A 33 5.78 14.29 -4.73
CA VAL A 33 7.09 13.79 -4.34
C VAL A 33 7.27 12.31 -4.67
N LEU A 34 8.21 12.01 -5.55
CA LEU A 34 8.52 10.64 -5.94
C LEU A 34 9.59 10.17 -4.97
N THR A 35 9.46 8.96 -4.43
CA THR A 35 10.48 8.44 -3.52
C THR A 35 10.90 7.06 -3.97
N ALA A 36 12.12 6.69 -3.58
CA ALA A 36 12.71 5.40 -3.91
C ALA A 36 13.84 5.12 -2.93
N ARG A 37 14.09 3.85 -2.63
CA ARG A 37 15.17 3.50 -1.71
C ARG A 37 16.54 3.72 -2.36
N ASP A 38 16.63 3.61 -3.69
CA ASP A 38 17.89 3.82 -4.41
C ASP A 38 17.83 5.22 -5.05
N VAL A 39 18.79 6.08 -4.72
CA VAL A 39 18.80 7.43 -5.27
C VAL A 39 19.00 7.52 -6.79
N ALA A 40 19.94 6.75 -7.32
CA ALA A 40 20.20 6.76 -8.76
C ALA A 40 18.97 6.32 -9.55
N ARG A 41 18.39 5.21 -9.12
CA ARG A 41 17.19 4.65 -9.74
C ARG A 41 16.10 5.70 -9.62
N GLY A 42 15.98 6.29 -8.43
CA GLY A 42 14.98 7.31 -8.17
C GLY A 42 15.12 8.58 -9.00
N GLN A 43 16.33 9.13 -9.10
CA GLN A 43 16.55 10.35 -9.88
C GLN A 43 16.34 10.14 -11.36
N ALA A 44 16.77 8.97 -11.84
CA ALA A 44 16.60 8.60 -13.23
C ALA A 44 15.11 8.67 -13.56
N ALA A 45 14.29 8.08 -12.70
CA ALA A 45 12.85 8.08 -12.89
C ALA A 45 12.32 9.50 -12.98
N VAL A 46 12.85 10.39 -12.14
CA VAL A 46 12.43 11.79 -12.13
C VAL A 46 12.78 12.44 -13.45
N LYS A 47 14.01 12.22 -13.90
CA LYS A 47 14.50 12.76 -15.16
C LYS A 47 13.59 12.33 -16.29
N GLN A 48 13.24 11.06 -16.32
CA GLN A 48 12.38 10.54 -17.37
C GLN A 48 11.03 11.26 -17.42
N LEU A 49 10.52 11.63 -16.25
CA LEU A 49 9.24 12.32 -16.21
C LEU A 49 9.38 13.78 -16.60
N GLN A 50 10.56 14.35 -16.38
CA GLN A 50 10.78 15.74 -16.74
C GLN A 50 10.72 15.85 -18.26
N ALA A 51 11.11 14.77 -18.93
CA ALA A 51 11.10 14.69 -20.38
C ALA A 51 9.69 14.65 -20.94
N GLU A 52 8.69 14.70 -20.05
CA GLU A 52 7.29 14.67 -20.50
C GLU A 52 6.61 15.99 -20.15
N GLY A 53 7.38 16.92 -19.57
CA GLY A 53 6.84 18.20 -19.19
C GLY A 53 6.53 18.22 -17.70
N LEU A 54 6.54 17.03 -17.10
CA LEU A 54 6.25 16.88 -15.68
C LEU A 54 7.46 17.24 -14.82
N SER A 55 7.22 17.72 -13.62
CA SER A 55 8.31 18.07 -12.72
C SER A 55 8.04 17.69 -11.27
N PRO A 56 8.29 16.42 -10.92
CA PRO A 56 8.08 15.94 -9.55
C PRO A 56 9.36 16.13 -8.73
N ARG A 57 9.22 16.22 -7.41
CA ARG A 57 10.39 16.37 -6.56
C ARG A 57 10.85 14.99 -6.11
N PHE A 58 12.13 14.86 -5.76
CA PHE A 58 12.61 13.57 -5.31
C PHE A 58 13.12 13.57 -3.87
N HIS A 59 12.99 12.41 -3.25
CA HIS A 59 13.47 12.19 -1.91
C HIS A 59 13.65 10.69 -1.69
N GLN A 60 14.79 10.33 -1.12
CA GLN A 60 15.13 8.94 -0.85
C GLN A 60 14.21 8.37 0.22
N LEU A 61 13.92 7.08 0.12
CA LEU A 61 13.06 6.40 1.09
C LEU A 61 13.00 4.88 0.98
N ASP A 62 13.52 4.24 2.02
CA ASP A 62 13.53 2.81 2.12
C ASP A 62 12.61 2.61 3.34
N ILE A 63 11.39 2.11 3.09
CA ILE A 63 10.40 1.93 4.16
C ILE A 63 10.79 0.93 5.24
N ILE A 64 11.99 0.36 5.11
CA ILE A 64 12.49 -0.62 6.06
C ILE A 64 13.49 0.03 7.01
N ASP A 65 14.03 1.17 6.59
CA ASP A 65 15.00 1.90 7.41
C ASP A 65 14.21 2.95 8.18
N LEU A 66 13.96 2.66 9.45
CA LEU A 66 13.21 3.56 10.32
C LEU A 66 13.81 4.96 10.31
N GLN A 67 15.14 5.03 10.21
CA GLN A 67 15.83 6.30 10.16
C GLN A 67 15.54 7.02 8.83
N SER A 68 15.38 6.23 7.77
CA SER A 68 15.09 6.82 6.47
C SER A 68 13.73 7.49 6.52
N ILE A 69 12.77 6.81 7.15
CA ILE A 69 11.40 7.31 7.31
C ILE A 69 11.37 8.63 8.09
N ARG A 70 12.05 8.66 9.22
CA ARG A 70 12.08 9.85 10.05
C ARG A 70 12.62 11.09 9.31
N ALA A 71 13.64 10.88 8.48
CA ALA A 71 14.24 11.97 7.71
C ALA A 71 13.22 12.55 6.74
N LEU A 72 12.42 11.68 6.12
CA LEU A 72 11.40 12.13 5.20
C LEU A 72 10.45 13.04 5.96
N CYS A 73 10.07 12.62 7.17
CA CYS A 73 9.16 13.43 8.01
C CYS A 73 9.74 14.81 8.18
N ASP A 74 11.02 14.87 8.53
CA ASP A 74 11.72 16.12 8.71
C ASP A 74 11.57 16.95 7.44
N PHE A 75 11.92 16.35 6.32
CA PHE A 75 11.81 17.01 5.03
C PHE A 75 10.44 17.62 4.84
N LEU A 76 9.41 16.79 4.99
CA LEU A 76 8.04 17.23 4.83
C LEU A 76 7.67 18.36 5.76
N ARG A 77 7.89 18.12 7.05
CA ARG A 77 7.58 19.09 8.09
C ARG A 77 8.10 20.47 7.72
N LYS A 78 9.40 20.54 7.44
CA LYS A 78 10.04 21.79 7.08
C LYS A 78 9.54 22.38 5.77
N GLU A 79 9.48 21.55 4.72
CA GLU A 79 9.07 22.00 3.40
C GLU A 79 7.59 22.33 3.18
N TYR A 80 6.70 21.56 3.79
CA TYR A 80 5.26 21.78 3.58
C TYR A 80 4.44 21.90 4.86
N GLY A 81 5.07 21.64 5.99
CA GLY A 81 4.36 21.73 7.25
C GLY A 81 3.41 20.56 7.45
N GLY A 82 3.54 19.56 6.58
CA GLY A 82 2.68 18.40 6.66
C GLY A 82 2.69 17.59 5.37
N LEU A 83 1.59 16.88 5.12
CA LEU A 83 1.47 16.04 3.93
C LEU A 83 -0.01 15.88 3.61
N ASP A 84 -0.35 16.02 2.33
CA ASP A 84 -1.73 15.90 1.93
C ASP A 84 -2.13 14.55 1.35
N VAL A 85 -1.28 13.96 0.51
CA VAL A 85 -1.60 12.67 -0.06
C VAL A 85 -0.46 11.69 0.10
N LEU A 86 -0.81 10.50 0.58
CA LEU A 86 0.17 9.45 0.77
C LEU A 86 -0.31 8.17 0.11
N VAL A 87 0.57 7.57 -0.68
CA VAL A 87 0.24 6.33 -1.35
C VAL A 87 1.31 5.32 -1.02
N ASN A 88 0.93 4.33 -0.20
CA ASN A 88 1.85 3.27 0.19
C ASN A 88 1.79 2.21 -0.91
N ASN A 89 2.76 2.30 -1.80
CA ASN A 89 2.85 1.42 -2.96
C ASN A 89 3.91 0.34 -2.86
N ALA A 90 5.07 0.71 -2.33
CA ALA A 90 6.22 -0.20 -2.20
C ALA A 90 5.89 -1.60 -1.69
N ALA A 91 6.58 -2.60 -2.24
CA ALA A 91 6.38 -4.00 -1.85
C ALA A 91 7.27 -4.98 -2.60
N ILE A 92 7.36 -6.20 -2.09
CA ILE A 92 8.14 -7.25 -2.72
C ILE A 92 7.36 -8.55 -2.71
N ALA A 93 7.80 -9.49 -3.55
CA ALA A 93 7.13 -10.77 -3.65
C ALA A 93 8.12 -11.82 -4.15
N PHE A 94 8.15 -12.98 -3.50
CA PHE A 94 9.04 -14.05 -3.92
C PHE A 94 8.22 -14.97 -4.83
N GLN A 95 8.58 -15.00 -6.11
CA GLN A 95 7.88 -15.84 -7.09
C GLN A 95 8.46 -17.24 -7.18
N LEU A 96 7.80 -18.09 -7.98
CA LEU A 96 8.23 -19.47 -8.18
C LEU A 96 9.66 -19.56 -8.70
N ASP A 97 10.33 -20.64 -8.28
CA ASP A 97 11.71 -20.93 -8.67
C ASP A 97 12.79 -20.15 -7.95
N ASN A 98 12.38 -19.23 -7.08
CA ASN A 98 13.32 -18.46 -6.27
C ASN A 98 13.66 -19.45 -5.15
N PRO A 99 14.93 -19.84 -5.03
CA PRO A 99 15.41 -20.79 -4.01
C PRO A 99 15.21 -20.44 -2.55
N THR A 100 15.06 -19.16 -2.24
CA THR A 100 14.89 -18.73 -0.86
C THR A 100 13.92 -19.60 -0.06
N PRO A 101 14.39 -20.14 1.09
CA PRO A 101 13.56 -20.99 1.95
C PRO A 101 12.25 -20.30 2.32
N PHE A 102 11.20 -21.10 2.39
CA PHE A 102 9.86 -20.63 2.72
C PHE A 102 9.73 -19.70 3.94
N HIS A 103 10.18 -20.17 5.10
CA HIS A 103 10.05 -19.36 6.32
C HIS A 103 10.79 -18.03 6.19
N ILE A 104 11.85 -18.02 5.39
CA ILE A 104 12.61 -16.81 5.17
C ILE A 104 11.81 -15.89 4.26
N GLN A 105 11.17 -16.46 3.24
CA GLN A 105 10.34 -15.70 2.32
C GLN A 105 9.23 -15.04 3.13
N ALA A 106 8.71 -15.78 4.09
CA ALA A 106 7.65 -15.30 4.96
C ALA A 106 8.16 -14.07 5.70
N GLU A 107 9.21 -14.28 6.47
CA GLU A 107 9.81 -13.21 7.25
C GLU A 107 10.18 -11.93 6.47
N LEU A 108 10.80 -12.08 5.30
CA LEU A 108 11.19 -10.89 4.55
C LEU A 108 10.02 -10.21 3.85
N THR A 109 9.07 -10.99 3.33
CA THR A 109 7.91 -10.39 2.69
C THR A 109 7.14 -9.57 3.72
N MET A 110 6.94 -10.15 4.90
CA MET A 110 6.23 -9.47 5.97
C MET A 110 6.99 -8.23 6.42
N LYS A 111 8.28 -8.38 6.62
CA LYS A 111 9.11 -7.29 7.07
C LYS A 111 8.89 -6.01 6.28
N THR A 112 8.80 -6.09 4.95
CA THR A 112 8.57 -4.86 4.20
C THR A 112 7.11 -4.60 3.84
N ASN A 113 6.38 -5.63 3.42
CA ASN A 113 5.00 -5.44 3.02
C ASN A 113 4.06 -4.97 4.12
N PHE A 114 4.19 -5.51 5.33
CA PHE A 114 3.35 -5.12 6.44
C PHE A 114 4.08 -4.18 7.38
N MET A 115 5.12 -4.70 8.01
CA MET A 115 5.91 -3.90 8.95
C MET A 115 6.31 -2.56 8.35
N GLY A 116 6.92 -2.61 7.16
CA GLY A 116 7.36 -1.41 6.50
C GLY A 116 6.23 -0.42 6.28
N THR A 117 5.13 -0.94 5.76
CA THR A 117 3.96 -0.11 5.48
C THR A 117 3.46 0.52 6.78
N ARG A 118 3.39 -0.29 7.82
CA ARG A 118 2.93 0.21 9.11
C ARG A 118 3.86 1.30 9.67
N ASN A 119 5.17 1.10 9.56
CA ASN A 119 6.10 2.09 10.09
C ASN A 119 6.07 3.40 9.33
N VAL A 120 5.59 3.36 8.09
CA VAL A 120 5.49 4.58 7.31
C VAL A 120 4.25 5.31 7.79
N CYS A 121 3.17 4.56 8.03
CA CYS A 121 1.92 5.14 8.49
C CYS A 121 2.00 5.75 9.88
N THR A 122 2.55 5.02 10.84
CA THR A 122 2.63 5.54 12.19
C THR A 122 3.46 6.82 12.22
N GLU A 123 4.40 6.95 11.29
CA GLU A 123 5.23 8.13 11.25
C GLU A 123 4.66 9.28 10.42
N LEU A 124 3.89 8.96 9.39
CA LEU A 124 3.34 10.02 8.54
C LEU A 124 1.87 10.35 8.73
N LEU A 125 1.11 9.43 9.30
CA LEU A 125 -0.31 9.71 9.53
C LEU A 125 -0.48 10.99 10.36
N PRO A 126 0.38 11.20 11.37
CA PRO A 126 0.23 12.41 12.18
C PRO A 126 0.36 13.70 11.36
N LEU A 127 1.06 13.62 10.24
CA LEU A 127 1.27 14.78 9.38
C LEU A 127 0.22 15.03 8.31
N ILE A 128 -0.74 14.12 8.15
CA ILE A 128 -1.75 14.31 7.13
C ILE A 128 -2.66 15.50 7.47
N LYS A 129 -2.76 16.43 6.53
CA LYS A 129 -3.59 17.63 6.69
C LYS A 129 -5.06 17.33 6.45
N PRO A 130 -5.95 18.18 6.98
CA PRO A 130 -7.39 17.96 6.80
C PRO A 130 -7.71 17.88 5.30
N GLN A 131 -8.68 17.04 4.94
CA GLN A 131 -9.08 16.83 3.55
C GLN A 131 -8.05 15.92 2.89
N GLY A 132 -7.16 15.37 3.71
CA GLY A 132 -6.11 14.50 3.20
C GLY A 132 -6.57 13.10 2.84
N ARG A 133 -5.88 12.49 1.89
CA ARG A 133 -6.22 11.14 1.46
C ARG A 133 -5.03 10.20 1.58
N VAL A 134 -5.31 8.99 2.05
CA VAL A 134 -4.27 7.98 2.22
C VAL A 134 -4.66 6.72 1.48
N VAL A 135 -3.76 6.24 0.62
CA VAL A 135 -4.03 5.04 -0.15
C VAL A 135 -3.00 3.96 0.06
N ASN A 136 -3.47 2.79 0.47
CA ASN A 136 -2.59 1.64 0.67
C ASN A 136 -2.84 0.63 -0.44
N VAL A 137 -1.83 0.42 -1.26
CA VAL A 137 -1.95 -0.53 -2.36
C VAL A 137 -1.82 -1.94 -1.83
N SER A 138 -2.93 -2.67 -1.83
CA SER A 138 -2.95 -4.04 -1.37
C SER A 138 -2.95 -4.97 -2.58
N SER A 139 -3.73 -6.05 -2.50
CA SER A 139 -3.82 -7.01 -3.60
C SER A 139 -5.01 -7.92 -3.36
N THR A 140 -5.62 -8.44 -4.43
CA THR A 140 -6.74 -9.35 -4.25
C THR A 140 -6.20 -10.70 -3.80
N GLU A 141 -4.89 -10.87 -3.90
CA GLU A 141 -4.25 -12.11 -3.45
C GLU A 141 -4.51 -12.23 -1.96
N GLY A 142 -4.72 -11.10 -1.30
CA GLY A 142 -4.97 -11.10 0.13
C GLY A 142 -6.29 -11.78 0.43
N VAL A 143 -7.28 -11.52 -0.40
CA VAL A 143 -8.62 -12.10 -0.28
C VAL A 143 -8.56 -13.59 -0.55
N ARG A 144 -7.79 -13.99 -1.55
CA ARG A 144 -7.65 -15.38 -1.90
C ARG A 144 -7.03 -16.10 -0.70
N ALA A 145 -5.98 -15.51 -0.16
CA ALA A 145 -5.29 -16.07 1.00
C ALA A 145 -6.18 -16.10 2.22
N LEU A 146 -7.07 -15.09 2.32
CA LEU A 146 -7.97 -15.00 3.45
C LEU A 146 -8.92 -16.19 3.50
N ASN A 147 -9.43 -16.58 2.34
CA ASN A 147 -10.36 -17.69 2.25
C ASN A 147 -9.70 -19.06 2.44
N GLU A 148 -8.38 -19.10 2.40
CA GLU A 148 -7.67 -20.36 2.58
C GLU A 148 -7.37 -20.62 4.05
N CYS A 149 -7.46 -19.59 4.88
CA CYS A 149 -7.19 -19.75 6.31
C CYS A 149 -8.41 -20.36 6.99
N SER A 150 -8.20 -20.95 8.16
CA SER A 150 -9.28 -21.58 8.91
C SER A 150 -10.32 -20.57 9.38
N PRO A 151 -11.59 -21.00 9.44
CA PRO A 151 -12.71 -20.14 9.88
C PRO A 151 -12.40 -19.35 11.16
N GLU A 152 -11.58 -19.92 12.04
CA GLU A 152 -11.23 -19.23 13.28
C GLU A 152 -10.40 -18.01 12.95
N LEU A 153 -9.43 -18.18 12.05
CA LEU A 153 -8.56 -17.08 11.66
C LEU A 153 -9.33 -16.05 10.86
N GLN A 154 -10.20 -16.52 9.98
CA GLN A 154 -11.00 -15.62 9.16
C GLN A 154 -11.84 -14.71 10.04
N GLN A 155 -12.44 -15.29 11.08
CA GLN A 155 -13.26 -14.54 12.00
C GLN A 155 -12.48 -13.42 12.68
N LYS A 156 -11.24 -13.71 13.05
CA LYS A 156 -10.40 -12.73 13.71
C LYS A 156 -10.04 -11.55 12.80
N PHE A 157 -9.81 -11.85 11.53
CA PHE A 157 -9.46 -10.80 10.58
C PHE A 157 -10.67 -9.98 10.15
N LYS A 158 -11.80 -10.64 10.03
CA LYS A 158 -13.03 -9.95 9.63
C LYS A 158 -13.68 -9.21 10.79
N SER A 159 -13.12 -9.31 11.99
CA SER A 159 -13.70 -8.63 13.15
C SER A 159 -13.82 -7.13 12.97
N GLU A 160 -14.74 -6.55 13.72
CA GLU A 160 -14.99 -5.11 13.67
C GLU A 160 -14.23 -4.45 14.82
N THR A 161 -13.90 -5.26 15.82
CA THR A 161 -13.21 -4.75 17.01
C THR A 161 -11.73 -5.06 17.12
N ILE A 162 -11.16 -5.69 16.09
CA ILE A 162 -9.75 -6.04 16.13
C ILE A 162 -8.86 -4.82 16.32
N THR A 163 -7.81 -4.95 17.12
CA THR A 163 -6.91 -3.84 17.38
C THR A 163 -5.61 -3.93 16.62
N GLU A 164 -4.93 -2.80 16.49
CA GLU A 164 -3.66 -2.73 15.80
C GLU A 164 -2.67 -3.67 16.46
N GLU A 165 -2.78 -3.80 17.79
CA GLU A 165 -1.90 -4.70 18.55
C GLU A 165 -2.17 -6.14 18.17
N GLU A 166 -3.44 -6.53 18.12
CA GLU A 166 -3.80 -7.90 17.75
C GLU A 166 -3.40 -8.23 16.31
N LEU A 167 -3.54 -7.25 15.42
CA LEU A 167 -3.18 -7.47 14.03
C LEU A 167 -1.69 -7.73 13.89
N VAL A 168 -0.89 -6.89 14.54
CA VAL A 168 0.56 -7.04 14.51
C VAL A 168 0.91 -8.39 15.10
N GLY A 169 0.11 -8.81 16.07
CA GLY A 169 0.34 -10.08 16.72
C GLY A 169 0.11 -11.25 15.78
N LEU A 170 -0.99 -11.22 15.02
CA LEU A 170 -1.31 -12.28 14.08
C LEU A 170 -0.29 -12.39 12.97
N MET A 171 0.17 -11.24 12.47
CA MET A 171 1.16 -11.24 11.40
C MET A 171 2.46 -11.88 11.88
N ASN A 172 2.86 -11.53 13.09
CA ASN A 172 4.08 -12.07 13.68
C ASN A 172 3.95 -13.56 13.93
N LYS A 173 2.77 -13.98 14.37
CA LYS A 173 2.54 -15.38 14.62
C LYS A 173 2.76 -16.14 13.32
N PHE A 174 2.15 -15.64 12.23
CA PHE A 174 2.31 -16.32 10.95
C PHE A 174 3.77 -16.59 10.65
N VAL A 175 4.63 -15.62 10.94
CA VAL A 175 6.06 -15.81 10.67
C VAL A 175 6.67 -16.86 11.59
N GLU A 176 6.30 -16.83 12.88
CA GLU A 176 6.82 -17.81 13.82
C GLU A 176 6.31 -19.19 13.45
N ASP A 177 5.05 -19.26 13.01
CA ASP A 177 4.44 -20.53 12.63
C ASP A 177 5.14 -21.21 11.43
N THR A 178 5.66 -20.40 10.50
CA THR A 178 6.32 -20.96 9.33
C THR A 178 7.73 -21.43 9.64
N LYS A 179 8.43 -20.69 10.50
CA LYS A 179 9.79 -21.08 10.85
C LYS A 179 9.71 -22.40 11.63
N ASN A 180 8.66 -22.55 12.42
CA ASN A 180 8.46 -23.79 13.19
C ASN A 180 7.69 -24.83 12.39
N GLY A 181 7.58 -24.61 11.08
CA GLY A 181 6.88 -25.54 10.21
C GLY A 181 5.55 -26.09 10.69
N VAL A 182 4.64 -25.21 11.09
CA VAL A 182 3.33 -25.64 11.58
C VAL A 182 2.17 -24.77 11.09
N HIS A 183 2.49 -23.69 10.38
CA HIS A 183 1.46 -22.77 9.91
C HIS A 183 0.22 -23.44 9.30
N ARG A 184 0.34 -24.68 8.84
CA ARG A 184 -0.81 -25.37 8.27
C ARG A 184 -1.65 -26.00 9.38
N LYS A 185 -1.00 -26.39 10.47
CA LYS A 185 -1.69 -26.97 11.62
C LYS A 185 -2.44 -25.84 12.29
N GLU A 186 -1.95 -24.62 12.09
CA GLU A 186 -2.57 -23.42 12.66
C GLU A 186 -3.61 -22.83 11.72
N GLY A 187 -3.87 -23.52 10.61
CA GLY A 187 -4.87 -23.07 9.65
C GLY A 187 -4.55 -21.83 8.86
N TRP A 188 -3.30 -21.71 8.41
CA TRP A 188 -2.86 -20.56 7.61
C TRP A 188 -2.76 -20.93 6.15
N SER A 189 -2.81 -19.91 5.29
CA SER A 189 -2.67 -20.08 3.86
C SER A 189 -1.17 -20.23 3.63
N ASP A 190 -0.77 -20.84 2.51
CA ASP A 190 0.65 -21.01 2.20
C ASP A 190 1.23 -19.76 1.55
N SER A 191 0.37 -18.84 1.13
CA SER A 191 0.81 -17.62 0.47
C SER A 191 1.36 -16.52 1.38
N THR A 192 2.69 -16.47 1.49
CA THR A 192 3.34 -15.46 2.30
C THR A 192 2.96 -14.05 1.81
N TYR A 193 3.01 -13.86 0.50
CA TYR A 193 2.65 -12.58 -0.11
C TYR A 193 1.18 -12.26 0.21
N GLY A 194 0.32 -13.24 0.01
CA GLY A 194 -1.11 -13.07 0.27
C GLY A 194 -1.40 -12.70 1.70
N VAL A 195 -0.75 -13.39 2.64
CA VAL A 195 -0.97 -13.11 4.05
C VAL A 195 -0.54 -11.69 4.43
N THR A 196 0.49 -11.17 3.78
CA THR A 196 0.94 -9.82 4.10
C THR A 196 -0.09 -8.81 3.60
N LYS A 197 -0.75 -9.13 2.47
CA LYS A 197 -1.74 -8.24 1.91
C LYS A 197 -3.00 -8.23 2.78
N ILE A 198 -3.25 -9.34 3.45
CA ILE A 198 -4.37 -9.44 4.37
C ILE A 198 -4.09 -8.35 5.41
N GLY A 199 -2.88 -8.40 5.94
CA GLY A 199 -2.46 -7.46 6.97
C GLY A 199 -2.57 -6.01 6.54
N VAL A 200 -2.20 -5.72 5.30
CA VAL A 200 -2.29 -4.36 4.80
C VAL A 200 -3.75 -3.93 4.75
N SER A 201 -4.60 -4.83 4.25
CA SER A 201 -6.02 -4.52 4.16
C SER A 201 -6.72 -4.37 5.48
N VAL A 202 -6.43 -5.26 6.43
CA VAL A 202 -7.07 -5.16 7.73
C VAL A 202 -6.51 -3.93 8.44
N LEU A 203 -5.23 -3.66 8.23
CA LEU A 203 -4.61 -2.50 8.85
C LEU A 203 -5.34 -1.24 8.42
N SER A 204 -5.69 -1.16 7.13
CA SER A 204 -6.39 0.01 6.61
C SER A 204 -7.73 0.20 7.31
N ARG A 205 -8.42 -0.90 7.56
CA ARG A 205 -9.71 -0.86 8.25
C ARG A 205 -9.47 -0.21 9.62
N ILE A 206 -8.55 -0.80 10.37
CA ILE A 206 -8.21 -0.32 11.71
C ILE A 206 -7.84 1.17 11.69
N TYR A 207 -7.05 1.58 10.71
CA TYR A 207 -6.63 2.97 10.62
C TYR A 207 -7.81 3.89 10.35
N ALA A 208 -8.76 3.42 9.56
CA ALA A 208 -9.95 4.19 9.23
C ALA A 208 -10.77 4.53 10.46
N ARG A 209 -10.82 3.60 11.42
CA ARG A 209 -11.57 3.82 12.65
C ARG A 209 -10.88 4.82 13.55
N LYS A 210 -9.57 4.65 13.71
CA LYS A 210 -8.79 5.52 14.56
C LYS A 210 -8.89 6.96 14.08
N LEU A 211 -8.92 7.14 12.77
CA LEU A 211 -9.01 8.47 12.20
C LEU A 211 -10.34 9.13 12.57
N ARG A 212 -11.43 8.41 12.44
CA ARG A 212 -12.74 8.96 12.78
C ARG A 212 -12.92 9.03 14.29
N GLU A 213 -12.10 8.26 15.00
CA GLU A 213 -12.15 8.23 16.45
C GLU A 213 -11.26 9.33 17.04
N GLN A 214 -10.20 9.68 16.32
CA GLN A 214 -9.28 10.69 16.80
C GLN A 214 -9.15 11.95 15.93
N ARG A 215 -9.87 12.01 14.81
CA ARG A 215 -9.79 13.17 13.93
C ARG A 215 -11.00 13.33 13.01
N ALA A 216 -12.17 12.94 13.50
CA ALA A 216 -13.40 13.00 12.72
C ALA A 216 -13.63 14.32 11.97
N GLY A 217 -13.22 15.42 12.58
CA GLY A 217 -13.40 16.73 11.96
C GLY A 217 -12.45 17.03 10.82
N ASP A 218 -11.35 16.28 10.72
CA ASP A 218 -10.37 16.53 9.66
C ASP A 218 -10.70 16.00 8.28
N LYS A 219 -11.88 15.40 8.14
CA LYS A 219 -12.34 14.88 6.85
C LYS A 219 -11.28 14.11 6.07
N ILE A 220 -10.52 13.25 6.75
CA ILE A 220 -9.49 12.47 6.07
C ILE A 220 -10.06 11.14 5.58
N LEU A 221 -9.71 10.77 4.35
CA LEU A 221 -10.21 9.52 3.78
C LEU A 221 -9.06 8.56 3.51
N LEU A 222 -9.20 7.33 3.98
CA LEU A 222 -8.18 6.30 3.80
C LEU A 222 -8.80 4.99 3.33
N ASN A 223 -8.19 4.38 2.31
CA ASN A 223 -8.68 3.10 1.77
C ASN A 223 -7.55 2.24 1.25
N ALA A 224 -7.83 0.94 1.16
CA ALA A 224 -6.88 -0.04 0.64
C ALA A 224 -7.43 -0.38 -0.74
N CYS A 225 -6.59 -0.89 -1.63
CA CYS A 225 -7.08 -1.23 -2.96
C CYS A 225 -6.19 -2.21 -3.71
N CYS A 226 -6.74 -2.76 -4.79
CA CYS A 226 -5.98 -3.65 -5.66
C CYS A 226 -6.02 -3.03 -7.05
N PRO A 227 -4.84 -2.77 -7.64
CA PRO A 227 -4.72 -2.19 -8.98
C PRO A 227 -4.96 -3.16 -10.15
N GLY A 228 -5.17 -4.43 -9.84
CA GLY A 228 -5.39 -5.42 -10.89
C GLY A 228 -4.08 -6.09 -11.26
N TRP A 229 -4.12 -7.01 -12.22
CA TRP A 229 -2.91 -7.70 -12.66
C TRP A 229 -2.22 -6.81 -13.69
N VAL A 230 -1.07 -6.24 -13.31
CA VAL A 230 -0.37 -5.31 -14.20
C VAL A 230 1.03 -5.72 -14.64
N ARG A 231 1.43 -5.28 -15.83
CA ARG A 231 2.71 -5.61 -16.41
C ARG A 231 3.88 -4.86 -15.76
N THR A 232 4.49 -5.50 -14.77
CA THR A 232 5.61 -4.90 -14.05
C THR A 232 6.59 -6.01 -13.74
N ASP A 233 7.67 -5.68 -13.04
CA ASP A 233 8.63 -6.69 -12.67
C ASP A 233 7.95 -7.68 -11.72
N MET A 234 6.93 -7.20 -11.00
CA MET A 234 6.22 -8.07 -10.08
C MET A 234 5.12 -8.82 -10.81
N GLY A 235 4.41 -8.11 -11.68
CA GLY A 235 3.31 -8.71 -12.41
C GLY A 235 3.68 -9.70 -13.51
N GLY A 236 4.84 -9.53 -14.12
CA GLY A 236 5.25 -10.42 -15.18
C GLY A 236 4.77 -9.90 -16.52
N PRO A 237 5.27 -10.45 -17.64
CA PRO A 237 4.91 -10.05 -19.00
C PRO A 237 3.50 -10.38 -19.49
N LYS A 238 2.86 -11.38 -18.92
CA LYS A 238 1.52 -11.76 -19.35
C LYS A 238 0.42 -10.82 -18.87
N ALA A 239 0.72 -10.02 -17.84
CA ALA A 239 -0.26 -9.10 -17.28
C ALA A 239 -1.02 -8.34 -18.38
N PRO A 240 -2.36 -8.35 -18.30
CA PRO A 240 -3.22 -7.68 -19.28
C PRO A 240 -3.12 -6.15 -19.30
N LYS A 241 -3.09 -5.50 -18.15
CA LYS A 241 -3.01 -4.05 -18.16
C LYS A 241 -1.62 -3.48 -17.89
N SER A 242 -1.39 -2.30 -18.48
CA SER A 242 -0.15 -1.57 -18.35
C SER A 242 -0.18 -0.73 -17.07
N PRO A 243 0.98 -0.26 -16.62
CA PRO A 243 1.10 0.56 -15.41
C PRO A 243 0.17 1.78 -15.46
N GLU A 244 0.10 2.41 -16.63
CA GLU A 244 -0.74 3.59 -16.81
C GLU A 244 -2.16 3.28 -16.36
N VAL A 245 -2.65 2.11 -16.75
CA VAL A 245 -3.99 1.66 -16.41
C VAL A 245 -4.06 1.20 -14.95
N GLY A 246 -3.05 0.44 -14.52
CA GLY A 246 -3.04 -0.06 -13.15
C GLY A 246 -3.11 1.02 -12.09
N ALA A 247 -2.57 2.19 -12.40
CA ALA A 247 -2.56 3.31 -11.46
C ALA A 247 -3.89 4.05 -11.40
N GLU A 248 -4.88 3.57 -12.14
CA GLU A 248 -6.19 4.23 -12.17
C GLU A 248 -6.95 4.30 -10.85
N THR A 249 -7.28 3.15 -10.27
CA THR A 249 -8.00 3.13 -9.01
C THR A 249 -7.24 3.88 -7.90
N PRO A 250 -5.92 3.64 -7.75
CA PRO A 250 -5.13 4.33 -6.72
C PRO A 250 -5.21 5.85 -6.83
N VAL A 251 -5.00 6.37 -8.03
CA VAL A 251 -5.04 7.81 -8.26
C VAL A 251 -6.43 8.32 -7.91
N TYR A 252 -7.45 7.58 -8.35
CA TYR A 252 -8.83 7.92 -8.08
C TYR A 252 -9.03 8.11 -6.58
N LEU A 253 -8.53 7.16 -5.79
CA LEU A 253 -8.65 7.19 -4.33
C LEU A 253 -7.85 8.33 -3.72
N ALA A 254 -6.82 8.75 -4.44
CA ALA A 254 -5.98 9.83 -3.96
C ALA A 254 -6.63 11.19 -4.21
N LEU A 255 -7.39 11.30 -5.30
CA LEU A 255 -8.00 12.57 -5.63
C LEU A 255 -9.46 12.75 -5.24
N LEU A 256 -9.97 11.88 -4.40
CA LEU A 256 -11.36 12.02 -3.97
C LEU A 256 -11.56 13.48 -3.62
N PRO A 257 -12.54 14.13 -4.27
CA PRO A 257 -12.88 15.54 -4.06
C PRO A 257 -13.08 15.95 -2.61
N SER A 258 -12.73 17.19 -2.30
CA SER A 258 -12.88 17.72 -0.95
C SER A 258 -14.30 17.50 -0.45
N ASP A 259 -14.40 17.13 0.83
CA ASP A 259 -15.69 16.86 1.45
C ASP A 259 -16.43 15.81 0.63
N ALA A 260 -16.18 14.55 0.95
CA ALA A 260 -16.81 13.43 0.27
C ALA A 260 -17.31 12.49 1.37
N GLU A 261 -16.51 12.33 2.42
CA GLU A 261 -16.87 11.48 3.55
C GLU A 261 -17.24 10.06 3.11
N GLY A 262 -16.51 9.55 2.12
CA GLY A 262 -16.76 8.22 1.62
C GLY A 262 -16.19 8.08 0.22
N PRO A 263 -15.65 6.91 -0.14
CA PRO A 263 -15.58 5.72 0.73
C PRO A 263 -14.49 5.86 1.80
N HIS A 264 -14.65 5.15 2.91
CA HIS A 264 -13.67 5.22 3.98
C HIS A 264 -13.44 3.85 4.62
N GLY A 265 -12.18 3.40 4.62
CA GLY A 265 -11.83 2.12 5.21
C GLY A 265 -12.35 0.97 4.37
N GLN A 266 -12.51 1.25 3.08
CA GLN A 266 -13.04 0.29 2.14
C GLN A 266 -11.97 -0.36 1.29
N PHE A 267 -12.31 -1.50 0.70
CA PHE A 267 -11.41 -2.23 -0.19
C PHE A 267 -11.92 -1.86 -1.57
N VAL A 268 -11.13 -1.08 -2.32
CA VAL A 268 -11.54 -0.61 -3.63
C VAL A 268 -10.80 -1.27 -4.80
N THR A 269 -11.57 -1.79 -5.76
CA THR A 269 -11.03 -2.41 -6.96
C THR A 269 -11.82 -1.84 -8.13
N ASP A 270 -11.11 -1.28 -9.12
CA ASP A 270 -11.73 -0.69 -10.30
C ASP A 270 -12.75 0.39 -9.95
N LYS A 271 -12.38 1.26 -9.01
CA LYS A 271 -13.22 2.36 -8.57
C LYS A 271 -14.49 1.97 -7.81
N LYS A 272 -14.69 0.67 -7.59
CA LYS A 272 -15.86 0.19 -6.86
C LYS A 272 -15.43 -0.46 -5.55
N VAL A 273 -16.16 -0.18 -4.48
CA VAL A 273 -15.82 -0.79 -3.20
C VAL A 273 -16.25 -2.25 -3.30
N VAL A 274 -15.61 -3.11 -2.51
CA VAL A 274 -15.92 -4.53 -2.52
C VAL A 274 -15.94 -5.02 -1.08
N GLU A 275 -17.04 -5.65 -0.68
CA GLU A 275 -17.14 -6.16 0.67
C GLU A 275 -15.89 -6.96 0.98
N TRP A 276 -15.27 -6.66 2.12
CA TRP A 276 -14.07 -7.36 2.54
C TRP A 276 -14.35 -8.87 2.53
N GLY A 277 -13.44 -9.64 1.93
CA GLY A 277 -13.61 -11.08 1.88
C GLY A 277 -14.28 -11.62 0.63
N VAL A 278 -15.18 -10.85 0.04
CA VAL A 278 -15.88 -11.29 -1.17
C VAL A 278 -14.94 -11.48 -2.34
N PRO A 279 -14.84 -12.71 -2.86
CA PRO A 279 -13.97 -13.04 -3.98
C PRO A 279 -14.24 -12.20 -5.23
N PRO A 280 -13.23 -12.08 -6.11
CA PRO A 280 -13.34 -11.31 -7.35
C PRO A 280 -14.37 -11.90 -8.31
N GLU A 281 -15.23 -11.04 -8.85
CA GLU A 281 -16.30 -11.44 -9.76
C GLU A 281 -15.83 -12.26 -10.95
N SER A 282 -14.81 -11.79 -11.65
CA SER A 282 -14.31 -12.52 -12.82
C SER A 282 -12.78 -12.57 -12.82
N TYR A 283 -12.22 -12.86 -14.00
CA TYR A 283 -10.77 -12.93 -14.16
C TYR A 283 -10.43 -13.00 -15.65
N PRO A 284 -9.34 -12.34 -16.05
CA PRO A 284 -8.84 -12.27 -17.43
C PRO A 284 -8.73 -13.59 -18.18
N TRP A 285 -8.88 -13.50 -19.50
CA TRP A 285 -8.79 -14.66 -20.37
C TRP A 285 -7.43 -15.30 -20.14
N VAL A 286 -7.43 -16.58 -19.80
CA VAL A 286 -6.18 -17.28 -19.54
C VAL A 286 -5.43 -17.63 -20.81
N ASN A 287 -4.18 -17.19 -20.88
CA ASN A 287 -3.32 -17.48 -22.03
C ASN A 287 -2.04 -18.12 -21.54
N ALA A 288 -2.13 -19.41 -21.22
CA ALA A 288 -1.00 -20.19 -20.73
C ALA A 288 0.01 -20.46 -21.84
S SO4 B . 13.85 19.37 -5.79
O1 SO4 B . 13.69 19.29 -4.32
O2 SO4 B . 15.15 20.00 -6.10
O3 SO4 B . 13.80 18.01 -6.35
O4 SO4 B . 12.77 20.20 -6.36
PA NDP C . 7.38 -3.52 -8.82
O1A NDP C . 7.52 -3.18 -10.20
O2A NDP C . 7.96 -4.79 -8.25
O5B NDP C . 7.95 -2.24 -7.96
C5B NDP C . 7.95 -2.31 -6.52
C4B NDP C . 8.53 -0.97 -6.11
O4B NDP C . 8.57 -0.98 -4.65
C3B NDP C . 9.92 -0.67 -6.53
O3B NDP C . 10.11 0.73 -6.87
C2B NDP C . 10.79 -1.19 -5.48
O2B NDP C . 12.12 -0.69 -5.36
C1B NDP C . 9.94 -0.67 -4.35
N9A NDP C . 10.38 -1.23 -3.04
C8A NDP C . 10.51 -2.58 -2.65
N7A NDP C . 10.95 -2.67 -1.42
C5A NDP C . 11.14 -1.39 -0.96
C6A NDP C . 11.60 -0.83 0.26
N6A NDP C . 11.98 -1.61 1.28
N1A NDP C . 11.66 0.52 0.37
C2A NDP C . 11.28 1.31 -0.66
N3A NDP C . 10.84 0.88 -1.84
C4A NDP C . 10.80 -0.49 -1.94
O3 NDP C . 5.89 -3.43 -8.30
PN NDP C . 4.43 -3.31 -8.90
O1N NDP C . 4.25 -4.52 -9.68
O2N NDP C . 4.39 -1.96 -9.56
O5D NDP C . 3.45 -3.22 -7.62
C5D NDP C . 3.44 -2.07 -6.70
C4D NDP C . 2.32 -2.34 -5.64
O4D NDP C . 1.19 -2.87 -6.32
C3D NDP C . 2.70 -3.41 -4.61
O3D NDP C . 2.20 -3.00 -3.33
C2D NDP C . 2.09 -4.67 -5.13
O2D NDP C . 1.94 -5.62 -4.10
C1D NDP C . 0.74 -4.07 -5.67
N1N NDP C . 0.08 -5.01 -6.64
C2N NDP C . 0.73 -5.25 -7.89
C3N NDP C . 0.05 -6.17 -8.78
C7N NDP C . 0.62 -6.48 -10.11
O7N NDP C . 0.06 -7.23 -10.93
N7N NDP C . 1.81 -5.95 -10.50
C4N NDP C . -1.16 -6.74 -8.36
C5N NDP C . -1.76 -6.48 -7.16
C6N NDP C . -1.14 -5.62 -6.30
P2B NDP C . 13.30 -1.04 -6.31
O1X NDP C . 13.39 -2.51 -6.22
O2X NDP C . 14.50 -0.34 -5.82
O3X NDP C . 12.98 -0.61 -7.75
#